data_1OW9
#
_entry.id   1OW9
#
_entity_poly.entity_id   1
_entity_poly.type   'polyribonucleotide'
_entity_poly.pdbx_seq_one_letter_code
;GAGCGAAGACGAAAGUCGAGCUC
;
_entity_poly.pdbx_strand_id   A
#